data_5I06
#
_entry.id   5I06
#
_cell.length_a   84.852
_cell.length_b   64.915
_cell.length_c   71.174
_cell.angle_alpha   90.00
_cell.angle_beta   93.85
_cell.angle_gamma   90.00
#
_symmetry.space_group_name_H-M   'C 1 2 1'
#
loop_
_entity.id
_entity.type
_entity.pdbx_description
1 polymer 'Queuine tRNA-ribosyltransferase'
2 non-polymer 'ZINC ION'
3 non-polymer 6-AMINO-4-[2-(4-METHOXYPHENYL)ETHYL]-1,7-DIHYDRO-8H-IMIDAZO[4,5-G]QUINAZOLIN-8-ONE
4 non-polymer GLYCEROL
5 non-polymer 1,2-ETHANEDIOL
6 non-polymer 'TRIETHYLENE GLYCOL'
7 water water
#
_entity_poly.entity_id   1
_entity_poly.type   'polypeptide(L)'
_entity_poly.pdbx_seq_one_letter_code
;MVEATAQETDRPRFSFSIAAREGKARTGTIEMKRGVIRTPAFMPVGTAATVKALKPETVRATGADIILGNTYHLMLRPGA
ERIAKLGGLHSFMGWDRPILTDSGGYQVMSLSSLTKQSEEGVTFKSHLDGSRHMLSPERSIEIQHLLGSDIVMAFDECTP
YPATPSRAASSMERSMRWAKRSRDAFDSRKEQAENAALFGIQQGSVFENLRQQSADALAEIGFDGYAVGGLAVGEGQDEM
FRVLDFSVPMLPDDKPHYLMGVGKPDDIVGAVERGIDMFDCVLPTRSGRNGQAFTWDGPINIRNARFSEDLKPLDSECHC
AVCQKWSRAYIHHLIRAGEILGAMLMTEHNIAFYQQLMQKIRDSISEGRFSQFAQDFRARYFARNS
;
_entity_poly.pdbx_strand_id   A
#
loop_
_chem_comp.id
_chem_comp.type
_chem_comp.name
_chem_comp.formula
E89 non-polymer 6-AMINO-4-[2-(4-METHOXYPHENYL)ETHYL]-1,7-DIHYDRO-8H-IMIDAZO[4,5-G]QUINAZOLIN-8-ONE 'C18 H17 N5 O2'
EDO non-polymer 1,2-ETHANEDIOL 'C2 H6 O2'
GOL non-polymer GLYCEROL 'C3 H8 O3'
PGE non-polymer 'TRIETHYLENE GLYCOL' 'C6 H14 O4'
ZN non-polymer 'ZINC ION' 'Zn 2'
#
# COMPACT_ATOMS: atom_id res chain seq x y z
N ASP A 10 20.70 -18.12 -2.80
CA ASP A 10 19.38 -17.68 -2.36
C ASP A 10 19.33 -16.18 -2.16
N ARG A 11 18.15 -15.60 -2.35
CA ARG A 11 17.98 -14.17 -2.14
C ARG A 11 18.20 -13.83 -0.67
N PRO A 12 18.58 -12.59 -0.38
CA PRO A 12 18.72 -12.16 1.02
C PRO A 12 17.36 -11.99 1.69
N ARG A 13 17.42 -11.86 3.01
CA ARG A 13 16.21 -11.49 3.76
C ARG A 13 15.62 -10.18 3.24
N PHE A 14 16.47 -9.19 3.00
CA PHE A 14 15.97 -7.90 2.53
C PHE A 14 17.13 -7.11 1.93
N SER A 15 16.97 -6.63 0.69
N SER A 15 17.00 -6.72 0.68
CA SER A 15 17.98 -5.78 0.06
CA SER A 15 17.90 -5.76 0.08
C SER A 15 17.34 -4.87 -0.98
C SER A 15 17.06 -4.84 -0.78
N PHE A 16 17.40 -3.56 -0.76
CA PHE A 16 16.80 -2.57 -1.64
C PHE A 16 17.90 -1.92 -2.45
N SER A 17 17.76 -1.93 -3.77
N SER A 17 17.78 -1.94 -3.77
CA SER A 17 18.76 -1.35 -4.66
CA SER A 17 18.77 -1.35 -4.65
C SER A 17 18.06 -0.37 -5.59
C SER A 17 18.08 -0.40 -5.62
N ILE A 18 18.63 0.81 -5.75
CA ILE A 18 18.09 1.83 -6.63
C ILE A 18 18.82 1.75 -7.97
N ALA A 19 18.08 1.47 -9.03
CA ALA A 19 18.66 1.30 -10.36
C ALA A 19 18.74 2.61 -11.13
N ALA A 20 17.85 3.55 -10.87
CA ALA A 20 17.81 4.78 -11.64
C ALA A 20 17.00 5.82 -10.87
N ARG A 21 17.28 7.09 -11.16
CA ARG A 21 16.64 8.20 -10.48
C ARG A 21 16.31 9.30 -11.49
N GLU A 22 15.27 10.07 -11.18
CA GLU A 22 14.95 11.27 -11.95
C GLU A 22 14.32 12.25 -10.97
N GLY A 23 15.03 13.34 -10.67
CA GLY A 23 14.58 14.21 -9.59
C GLY A 23 14.55 13.42 -8.28
N LYS A 24 13.45 13.53 -7.55
CA LYS A 24 13.27 12.74 -6.34
C LYS A 24 12.76 11.33 -6.62
N ALA A 25 12.33 11.04 -7.84
CA ALA A 25 11.78 9.72 -8.16
C ALA A 25 12.90 8.69 -8.29
N ARG A 26 12.61 7.46 -7.86
CA ARG A 26 13.55 6.35 -7.92
C ARG A 26 12.85 5.12 -8.49
N THR A 27 13.61 4.27 -9.15
CA THR A 27 13.15 2.95 -9.52
C THR A 27 14.21 1.92 -9.17
N GLY A 28 13.76 0.75 -8.73
CA GLY A 28 14.71 -0.25 -8.28
C GLY A 28 14.04 -1.55 -7.88
N THR A 29 14.65 -2.29 -6.97
CA THR A 29 14.14 -3.59 -6.58
C THR A 29 14.37 -3.82 -5.10
N ILE A 30 13.40 -4.48 -4.48
CA ILE A 30 13.59 -5.07 -3.16
C ILE A 30 13.71 -6.58 -3.36
N GLU A 31 14.79 -7.16 -2.88
N GLU A 31 14.82 -7.14 -2.92
CA GLU A 31 14.96 -8.60 -2.92
CA GLU A 31 14.96 -8.60 -2.90
C GLU A 31 14.67 -9.18 -1.54
C GLU A 31 14.57 -9.10 -1.52
N MET A 32 13.74 -10.14 -1.49
CA MET A 32 13.41 -10.86 -0.28
C MET A 32 13.46 -12.34 -0.58
N LYS A 33 13.38 -13.17 0.46
CA LYS A 33 13.51 -14.61 0.25
C LYS A 33 12.46 -15.15 -0.71
N ARG A 34 11.23 -14.63 -0.63
N ARG A 34 11.22 -14.64 -0.63
CA ARG A 34 10.12 -15.15 -1.43
CA ARG A 34 10.14 -15.17 -1.45
C ARG A 34 9.99 -14.47 -2.80
C ARG A 34 10.03 -14.51 -2.82
N GLY A 35 10.81 -13.49 -3.12
CA GLY A 35 10.74 -12.89 -4.44
C GLY A 35 11.31 -11.48 -4.49
N VAL A 36 11.35 -10.97 -5.72
CA VAL A 36 11.81 -9.61 -6.00
C VAL A 36 10.60 -8.71 -6.19
N ILE A 37 10.67 -7.51 -5.62
CA ILE A 37 9.61 -6.51 -5.76
C ILE A 37 10.17 -5.33 -6.54
N ARG A 38 9.58 -5.06 -7.71
CA ARG A 38 10.00 -3.92 -8.53
C ARG A 38 9.33 -2.65 -8.00
N THR A 39 10.12 -1.58 -7.88
CA THR A 39 9.61 -0.32 -7.33
C THR A 39 9.81 0.80 -8.34
N PRO A 40 8.90 1.80 -8.36
CA PRO A 40 7.72 1.90 -7.50
C PRO A 40 6.72 0.77 -7.71
N ALA A 41 6.13 0.31 -6.60
CA ALA A 41 5.29 -0.87 -6.58
C ALA A 41 3.88 -0.53 -6.12
N PHE A 42 2.90 -1.19 -6.74
N PHE A 42 2.88 -1.17 -6.74
CA PHE A 42 1.52 -1.23 -6.27
CA PHE A 42 1.54 -1.18 -6.19
C PHE A 42 1.29 -2.58 -5.60
C PHE A 42 1.24 -2.56 -5.63
N MET A 43 0.68 -2.58 -4.42
CA MET A 43 0.47 -3.80 -3.65
C MET A 43 -1.03 -4.01 -3.50
N PRO A 44 -1.63 -4.90 -4.28
CA PRO A 44 -3.09 -5.08 -4.22
C PRO A 44 -3.51 -5.96 -3.06
N VAL A 45 -4.77 -5.81 -2.67
CA VAL A 45 -5.37 -6.69 -1.70
C VAL A 45 -5.41 -8.10 -2.29
N GLY A 46 -4.95 -9.08 -1.52
CA GLY A 46 -4.85 -10.43 -2.03
C GLY A 46 -6.18 -11.11 -2.26
N THR A 47 -7.19 -10.75 -1.47
CA THR A 47 -8.51 -11.38 -1.58
C THR A 47 -9.40 -10.76 -2.64
N ALA A 48 -8.92 -9.72 -3.33
CA ALA A 48 -9.80 -9.00 -4.25
C ALA A 48 -10.09 -9.82 -5.49
N ALA A 49 -9.11 -10.58 -5.96
CA ALA A 49 -9.24 -11.39 -7.15
C ALA A 49 -8.14 -12.43 -7.10
N THR A 50 -8.12 -13.32 -8.09
CA THR A 50 -6.97 -14.19 -8.19
C THR A 50 -5.80 -13.39 -8.74
N VAL A 51 -5.03 -12.76 -7.86
CA VAL A 51 -3.87 -11.99 -8.29
C VAL A 51 -2.80 -12.95 -8.79
N LYS A 52 -2.28 -12.68 -9.98
CA LYS A 52 -1.22 -13.49 -10.57
C LYS A 52 0.12 -12.79 -10.43
N ALA A 53 1.18 -13.58 -10.54
CA ALA A 53 2.53 -13.04 -10.47
C ALA A 53 2.88 -12.28 -11.75
N GLY A 63 2.13 -8.66 -13.57
CA GLY A 63 1.37 -8.93 -12.36
C GLY A 63 2.01 -8.36 -11.11
N ALA A 64 1.36 -8.51 -9.98
CA ALA A 64 1.87 -7.98 -8.72
C ALA A 64 3.06 -8.81 -8.21
N ASP A 65 3.97 -8.12 -7.55
CA ASP A 65 5.12 -8.76 -6.92
C ASP A 65 4.90 -9.04 -5.45
N ILE A 66 3.89 -8.40 -4.85
CA ILE A 66 3.60 -8.50 -3.43
C ILE A 66 2.13 -8.16 -3.27
N ILE A 67 1.47 -8.84 -2.34
CA ILE A 67 0.06 -8.57 -2.04
C ILE A 67 -0.07 -8.22 -0.57
N LEU A 68 -1.22 -7.63 -0.23
CA LEU A 68 -1.57 -7.28 1.13
C LEU A 68 -2.39 -8.38 1.77
N GLY A 69 -2.05 -8.72 3.01
CA GLY A 69 -2.95 -9.46 3.88
C GLY A 69 -3.69 -8.50 4.81
N ASN A 70 -4.91 -8.86 5.18
CA ASN A 70 -5.76 -7.97 5.97
C ASN A 70 -5.70 -8.38 7.44
N THR A 71 -4.73 -7.80 8.15
CA THR A 71 -4.49 -8.16 9.55
C THR A 71 -5.74 -8.04 10.40
N TYR A 72 -6.43 -6.91 10.28
CA TYR A 72 -7.59 -6.65 11.13
C TYR A 72 -8.67 -7.71 10.93
N HIS A 73 -9.00 -8.01 9.67
CA HIS A 73 -10.02 -9.03 9.45
C HIS A 73 -9.54 -10.39 9.94
N LEU A 74 -8.30 -10.75 9.60
CA LEU A 74 -7.80 -12.08 9.90
C LEU A 74 -7.70 -12.33 11.39
N MET A 75 -7.36 -11.30 12.17
CA MET A 75 -7.26 -11.53 13.61
C MET A 75 -8.61 -11.78 14.25
N LEU A 76 -9.69 -11.36 13.61
CA LEU A 76 -11.04 -11.64 14.09
C LEU A 76 -11.63 -12.90 13.48
N ARG A 77 -11.38 -13.14 12.19
CA ARG A 77 -11.88 -14.34 11.52
C ARG A 77 -10.84 -14.81 10.52
N PRO A 78 -10.26 -16.01 10.74
CA PRO A 78 -10.55 -16.96 11.82
C PRO A 78 -9.70 -16.76 13.07
N GLY A 79 -8.87 -15.72 13.09
CA GLY A 79 -7.91 -15.54 14.15
C GLY A 79 -6.52 -15.93 13.70
N ALA A 80 -5.52 -15.21 14.22
CA ALA A 80 -4.14 -15.43 13.76
C ALA A 80 -3.65 -16.82 14.13
N GLU A 81 -4.03 -17.31 15.31
N GLU A 81 -4.03 -17.30 15.32
CA GLU A 81 -3.62 -18.65 15.71
CA GLU A 81 -3.64 -18.64 15.72
C GLU A 81 -4.17 -19.69 14.74
C GLU A 81 -4.18 -19.69 14.77
N ARG A 82 -5.43 -19.52 14.32
CA ARG A 82 -6.02 -20.45 13.37
C ARG A 82 -5.33 -20.37 12.01
N ILE A 83 -4.99 -19.16 11.55
CA ILE A 83 -4.25 -19.05 10.29
C ILE A 83 -2.93 -19.80 10.39
N ALA A 84 -2.24 -19.65 11.53
CA ALA A 84 -0.98 -20.37 11.71
C ALA A 84 -1.21 -21.88 11.68
N LYS A 85 -2.31 -22.36 12.30
CA LYS A 85 -2.62 -23.79 12.28
C LYS A 85 -2.86 -24.29 10.86
N LEU A 86 -3.40 -23.45 9.99
CA LEU A 86 -3.65 -23.81 8.61
C LEU A 86 -2.41 -23.69 7.73
N GLY A 87 -1.29 -23.23 8.28
CA GLY A 87 -0.04 -23.19 7.55
C GLY A 87 0.46 -21.81 7.22
N GLY A 88 -0.21 -20.75 7.68
CA GLY A 88 0.18 -19.39 7.36
C GLY A 88 -0.53 -18.86 6.13
N LEU A 89 -0.44 -17.54 5.95
CA LEU A 89 -1.18 -16.89 4.88
C LEU A 89 -0.74 -17.32 3.50
N HIS A 90 0.55 -17.59 3.30
CA HIS A 90 1.01 -18.00 1.97
C HIS A 90 0.30 -19.27 1.53
N SER A 91 0.29 -20.29 2.39
CA SER A 91 -0.40 -21.53 2.07
C SER A 91 -1.91 -21.31 1.95
N PHE A 92 -2.48 -20.56 2.89
CA PHE A 92 -3.92 -20.33 2.94
C PHE A 92 -4.43 -19.67 1.66
N MET A 93 -3.73 -18.66 1.18
CA MET A 93 -4.15 -17.86 0.03
C MET A 93 -3.61 -18.40 -1.29
N GLY A 94 -2.72 -19.40 -1.26
CA GLY A 94 -2.14 -19.90 -2.49
C GLY A 94 -1.21 -18.91 -3.14
N TRP A 95 -0.43 -18.17 -2.35
CA TRP A 95 0.46 -17.13 -2.85
C TRP A 95 1.83 -17.36 -2.23
N ASP A 96 2.82 -17.69 -3.05
CA ASP A 96 4.14 -18.02 -2.54
C ASP A 96 5.13 -16.86 -2.59
N ARG A 97 4.69 -15.68 -3.00
CA ARG A 97 5.54 -14.50 -3.12
C ARG A 97 5.39 -13.63 -1.86
N PRO A 98 6.06 -12.47 -1.77
CA PRO A 98 5.94 -11.67 -0.55
C PRO A 98 4.52 -11.20 -0.26
N ILE A 99 4.23 -11.05 1.04
CA ILE A 99 2.99 -10.51 1.57
C ILE A 99 3.36 -9.41 2.56
N LEU A 100 2.67 -8.28 2.48
CA LEU A 100 2.76 -7.21 3.47
C LEU A 100 1.49 -7.19 4.31
N THR A 101 1.64 -7.02 5.63
CA THR A 101 0.51 -6.84 6.53
C THR A 101 0.64 -5.53 7.30
N ASP A 102 -0.48 -4.84 7.48
CA ASP A 102 -0.52 -3.68 8.37
C ASP A 102 -0.55 -4.14 9.83
N SER A 103 -0.33 -3.19 10.73
CA SER A 103 -0.20 -3.53 12.15
C SER A 103 -1.54 -3.59 12.88
N GLY A 104 -2.63 -3.09 12.28
CA GLY A 104 -3.97 -3.32 12.79
C GLY A 104 -4.62 -2.17 13.52
N GLY A 105 -3.82 -1.23 14.03
CA GLY A 105 -4.39 -0.14 14.81
C GLY A 105 -5.19 0.84 13.98
N TYR A 106 -4.68 1.19 12.79
CA TYR A 106 -5.46 2.05 11.90
C TYR A 106 -6.86 1.48 11.69
N GLN A 107 -6.92 0.18 11.45
CA GLN A 107 -8.18 -0.48 11.16
C GLN A 107 -9.08 -0.54 12.39
N VAL A 108 -8.50 -0.86 13.56
CA VAL A 108 -9.28 -0.84 14.79
C VAL A 108 -9.89 0.54 15.01
N MET A 109 -9.08 1.59 14.87
CA MET A 109 -9.58 2.93 15.11
C MET A 109 -10.59 3.38 14.06
N SER A 110 -10.55 2.82 12.87
CA SER A 110 -11.49 3.23 11.84
C SER A 110 -12.76 2.40 11.81
N LEU A 111 -12.71 1.13 12.23
CA LEU A 111 -13.81 0.21 12.04
C LEU A 111 -14.47 -0.27 13.33
N SER A 112 -13.72 -0.41 14.42
CA SER A 112 -14.27 -0.96 15.66
C SER A 112 -15.24 0.00 16.34
N THR A 115 -13.60 1.58 21.33
CA THR A 115 -12.15 1.50 21.50
C THR A 115 -11.68 2.27 22.73
N LYS A 116 -10.56 1.85 23.30
CA LYS A 116 -9.97 2.52 24.45
C LYS A 116 -8.46 2.48 24.29
N GLN A 117 -7.84 3.65 24.21
CA GLN A 117 -6.41 3.76 24.01
C GLN A 117 -5.68 3.96 25.34
N SER A 118 -4.49 3.38 25.44
CA SER A 118 -3.60 3.57 26.58
C SER A 118 -2.18 3.39 26.09
N GLU A 119 -1.22 3.65 26.98
CA GLU A 119 0.19 3.45 26.61
C GLU A 119 0.47 1.98 26.27
N GLU A 120 -0.29 1.05 26.84
CA GLU A 120 -0.08 -0.36 26.54
C GLU A 120 -0.48 -0.70 25.11
N GLY A 121 -1.57 -0.11 24.62
CA GLY A 121 -2.10 -0.46 23.32
C GLY A 121 -3.54 0.01 23.20
N VAL A 122 -4.27 -0.64 22.29
CA VAL A 122 -5.67 -0.29 22.04
C VAL A 122 -6.55 -1.46 22.43
N THR A 123 -7.55 -1.20 23.27
CA THR A 123 -8.59 -2.16 23.59
C THR A 123 -9.81 -1.84 22.75
N PHE A 124 -10.51 -2.87 22.27
CA PHE A 124 -11.63 -2.64 21.37
C PHE A 124 -12.58 -3.81 21.40
N LYS A 125 -13.80 -3.54 20.96
CA LYS A 125 -14.83 -4.57 20.79
C LYS A 125 -15.35 -4.55 19.36
N HIS A 133 -8.79 -8.66 22.17
CA HIS A 133 -9.48 -7.40 22.38
C HIS A 133 -8.53 -6.29 22.83
N MET A 134 -7.31 -6.65 23.21
CA MET A 134 -6.23 -5.69 23.44
C MET A 134 -5.18 -5.91 22.36
N LEU A 135 -4.91 -4.87 21.58
CA LEU A 135 -3.88 -4.90 20.55
C LEU A 135 -2.76 -3.97 20.98
N SER A 136 -1.57 -4.52 21.20
CA SER A 136 -0.39 -3.80 21.64
C SER A 136 0.68 -3.95 20.56
N PRO A 137 1.78 -3.21 20.62
CA PRO A 137 2.89 -3.49 19.70
C PRO A 137 3.32 -4.95 19.71
N GLU A 138 3.46 -5.54 20.90
CA GLU A 138 3.92 -6.92 20.99
C GLU A 138 2.91 -7.86 20.36
N ARG A 139 1.62 -7.66 20.62
CA ARG A 139 0.61 -8.54 20.07
C ARG A 139 0.48 -8.35 18.57
N SER A 140 0.62 -7.11 18.09
CA SER A 140 0.55 -6.87 16.64
C SER A 140 1.65 -7.61 15.91
N ILE A 141 2.88 -7.52 16.44
CA ILE A 141 4.01 -8.21 15.83
C ILE A 141 3.78 -9.72 15.88
N GLU A 142 3.30 -10.22 17.02
N GLU A 142 3.28 -10.24 17.00
CA GLU A 142 2.99 -11.64 17.15
CA GLU A 142 3.05 -11.68 17.06
C GLU A 142 1.96 -12.08 16.11
C GLU A 142 1.93 -12.12 16.11
N ILE A 143 0.87 -11.32 15.97
CA ILE A 143 -0.17 -11.63 14.98
C ILE A 143 0.43 -11.70 13.59
N GLN A 144 1.24 -10.70 13.23
CA GLN A 144 1.85 -10.72 11.90
C GLN A 144 2.82 -11.88 11.72
N HIS A 145 3.51 -12.27 12.80
CA HIS A 145 4.33 -13.48 12.76
C HIS A 145 3.48 -14.72 12.49
N LEU A 146 2.37 -14.89 13.22
CA LEU A 146 1.49 -16.04 13.01
C LEU A 146 0.89 -16.07 11.62
N LEU A 147 0.60 -14.90 11.04
CA LEU A 147 0.12 -14.86 9.67
C LEU A 147 1.23 -15.21 8.68
N GLY A 148 2.50 -15.03 9.05
CA GLY A 148 3.60 -15.37 8.19
C GLY A 148 3.98 -14.31 7.18
N SER A 149 3.71 -13.05 7.51
N SER A 149 3.63 -13.05 7.43
CA SER A 149 3.97 -11.90 6.65
CA SER A 149 3.88 -12.08 6.38
C SER A 149 5.46 -11.76 6.33
C SER A 149 5.37 -11.74 6.31
N ASP A 150 5.77 -11.26 5.13
CA ASP A 150 7.16 -10.96 4.80
C ASP A 150 7.53 -9.53 5.15
N ILE A 151 6.63 -8.57 4.93
CA ILE A 151 6.85 -7.20 5.37
C ILE A 151 5.87 -6.89 6.48
N VAL A 152 6.41 -6.61 7.65
CA VAL A 152 5.67 -6.42 8.89
C VAL A 152 5.70 -4.93 9.18
N MET A 153 4.54 -4.34 9.46
CA MET A 153 4.48 -2.94 9.85
C MET A 153 4.55 -2.79 11.37
N ALA A 154 5.32 -1.79 11.81
CA ALA A 154 5.29 -1.39 13.22
C ALA A 154 3.88 -0.99 13.64
N PHE A 155 3.58 -1.18 14.92
CA PHE A 155 2.27 -0.81 15.47
C PHE A 155 2.31 0.66 15.84
N ASP A 156 1.50 1.46 15.14
CA ASP A 156 1.50 2.92 15.26
C ASP A 156 0.09 3.42 15.55
N GLU A 157 0.00 4.72 15.77
CA GLU A 157 -1.26 5.44 15.86
C GLU A 157 -1.36 6.41 14.68
N CYS A 158 -2.40 6.24 13.85
CA CYS A 158 -2.62 7.17 12.76
C CYS A 158 -3.38 8.37 13.32
N THR A 159 -2.69 9.48 13.50
CA THR A 159 -3.29 10.63 14.17
C THR A 159 -4.47 11.15 13.35
N PRO A 160 -5.63 11.39 13.97
CA PRO A 160 -6.75 11.97 13.22
C PRO A 160 -6.41 13.33 12.64
N TYR A 161 -7.13 13.68 11.58
CA TYR A 161 -6.97 14.96 10.91
C TYR A 161 -8.29 15.72 10.92
N PRO A 162 -8.25 17.02 11.24
CA PRO A 162 -7.07 17.78 11.66
C PRO A 162 -6.66 17.49 13.10
N ALA A 163 -5.42 17.81 13.42
CA ALA A 163 -4.90 17.65 14.78
C ALA A 163 -4.18 18.94 15.18
N THR A 164 -4.33 19.33 16.44
CA THR A 164 -3.55 20.45 16.93
C THR A 164 -2.08 20.03 17.05
N PRO A 165 -1.17 20.99 17.05
CA PRO A 165 0.25 20.63 17.27
C PRO A 165 0.48 19.82 18.53
N SER A 166 -0.18 20.16 19.65
CA SER A 166 0.04 19.41 20.88
C SER A 166 -0.43 17.97 20.75
N ARG A 167 -1.63 17.77 20.19
CA ARG A 167 -2.16 16.43 20.05
C ARG A 167 -1.35 15.62 19.04
N ALA A 168 -0.94 16.25 17.94
CA ALA A 168 -0.11 15.56 16.97
C ALA A 168 1.22 15.13 17.59
N ALA A 169 1.80 16.00 18.44
CA ALA A 169 3.07 15.67 19.08
C ALA A 169 2.92 14.51 20.06
N SER A 170 1.94 14.59 20.95
N SER A 170 1.92 14.58 20.94
CA SER A 170 1.72 13.51 21.90
CA SER A 170 1.74 13.50 21.91
C SER A 170 1.46 12.19 21.18
C SER A 170 1.41 12.18 21.22
N SER A 171 0.65 12.23 20.12
CA SER A 171 0.35 11.03 19.36
C SER A 171 1.61 10.47 18.71
N MET A 172 2.38 11.32 18.04
CA MET A 172 3.61 10.87 17.39
C MET A 172 4.59 10.29 18.41
N GLU A 173 4.70 10.93 19.58
CA GLU A 173 5.62 10.45 20.61
C GLU A 173 5.24 9.06 21.08
N ARG A 174 3.95 8.82 21.30
CA ARG A 174 3.51 7.47 21.63
C ARG A 174 3.83 6.50 20.50
N SER A 175 3.57 6.89 19.26
CA SER A 175 3.91 6.02 18.13
C SER A 175 5.40 5.67 18.11
N MET A 176 6.26 6.61 18.49
CA MET A 176 7.69 6.31 18.45
C MET A 176 8.06 5.34 19.57
N ARG A 177 7.44 5.47 20.75
CA ARG A 177 7.66 4.48 21.79
C ARG A 177 7.16 3.11 21.34
N TRP A 178 6.00 3.08 20.68
CA TRP A 178 5.47 1.84 20.13
C TRP A 178 6.35 1.27 19.02
N ALA A 179 7.03 2.14 18.26
CA ALA A 179 7.92 1.67 17.22
C ALA A 179 9.11 0.91 17.81
N LYS A 180 9.66 1.42 18.92
CA LYS A 180 10.74 0.71 19.61
C LYS A 180 10.24 -0.63 20.15
N ARG A 181 9.05 -0.65 20.75
CA ARG A 181 8.50 -1.91 21.24
C ARG A 181 8.26 -2.89 20.09
N SER A 182 7.85 -2.38 18.93
CA SER A 182 7.64 -3.24 17.76
C SER A 182 8.96 -3.84 17.30
N ARG A 183 10.01 -3.00 17.21
CA ARG A 183 11.34 -3.46 16.87
C ARG A 183 11.80 -4.58 17.79
N ASP A 184 11.62 -4.38 19.10
CA ASP A 184 12.11 -5.37 20.06
C ASP A 184 11.31 -6.67 19.96
N ALA A 185 10.00 -6.57 19.77
CA ALA A 185 9.19 -7.78 19.66
C ALA A 185 9.55 -8.57 18.40
N PHE A 186 9.75 -7.87 17.28
CA PHE A 186 10.15 -8.52 16.04
C PHE A 186 11.50 -9.22 16.20
N ASP A 187 12.47 -8.55 16.82
CA ASP A 187 13.81 -9.11 16.98
C ASP A 187 13.84 -10.31 17.91
N SER A 188 12.81 -10.48 18.75
N SER A 188 12.84 -10.45 18.78
CA SER A 188 12.78 -11.57 19.71
CA SER A 188 12.82 -11.52 19.77
C SER A 188 12.36 -12.89 19.08
C SER A 188 12.22 -12.81 19.24
N ARG A 189 11.73 -12.85 17.91
N ARG A 189 11.89 -12.86 17.95
CA ARG A 189 11.19 -14.04 17.25
CA ARG A 189 11.26 -14.02 17.32
C ARG A 189 12.16 -14.42 16.13
C ARG A 189 12.16 -14.43 16.15
N LYS A 190 12.95 -15.49 16.36
CA LYS A 190 14.03 -15.84 15.44
C LYS A 190 13.54 -16.02 14.00
N GLU A 191 12.46 -16.79 13.81
CA GLU A 191 11.98 -17.03 12.45
C GLU A 191 11.58 -15.71 11.79
N GLN A 192 10.99 -14.81 12.55
CA GLN A 192 10.60 -13.52 12.01
C GLN A 192 11.81 -12.65 11.71
N ALA A 193 12.73 -12.52 12.68
CA ALA A 193 13.90 -11.66 12.49
C ALA A 193 14.76 -12.12 11.33
N GLU A 194 14.81 -13.42 11.07
CA GLU A 194 15.71 -13.96 10.05
C GLU A 194 15.08 -14.00 8.66
N ASN A 195 13.76 -13.95 8.55
CA ASN A 195 13.10 -14.18 7.28
C ASN A 195 12.17 -13.07 6.82
N ALA A 196 11.75 -12.18 7.71
CA ALA A 196 10.83 -11.10 7.38
C ALA A 196 11.57 -9.77 7.50
N ALA A 197 10.87 -8.68 7.18
CA ALA A 197 11.41 -7.34 7.28
C ALA A 197 10.42 -6.49 8.05
N LEU A 198 10.92 -5.44 8.71
CA LEU A 198 10.10 -4.58 9.55
C LEU A 198 10.20 -3.15 9.07
N PHE A 199 9.05 -2.49 8.86
CA PHE A 199 9.01 -1.10 8.45
C PHE A 199 8.53 -0.25 9.61
N GLY A 200 9.21 0.89 9.81
CA GLY A 200 8.73 1.88 10.77
C GLY A 200 7.84 2.90 10.07
N ILE A 201 6.94 3.52 10.84
CA ILE A 201 5.92 4.42 10.29
C ILE A 201 6.10 5.82 10.89
N GLN A 202 6.40 6.78 10.02
CA GLN A 202 6.52 8.18 10.42
C GLN A 202 5.13 8.77 10.65
N GLN A 203 5.00 9.52 11.76
CA GLN A 203 3.78 10.27 12.04
C GLN A 203 4.15 11.75 12.23
N GLY A 204 3.28 12.54 12.84
CA GLY A 204 3.53 13.96 12.97
C GLY A 204 2.52 14.86 12.25
N SER A 205 1.45 14.27 11.74
CA SER A 205 0.36 15.03 11.10
C SER A 205 0.94 15.87 9.97
N VAL A 206 0.60 17.15 9.87
CA VAL A 206 1.05 18.01 8.78
C VAL A 206 2.21 18.92 9.22
N PHE A 207 2.83 18.63 10.36
CA PHE A 207 3.79 19.55 10.98
C PHE A 207 5.23 19.12 10.69
N GLU A 208 5.98 20.01 10.03
CA GLU A 208 7.34 19.68 9.61
C GLU A 208 8.24 19.30 10.79
N ASN A 209 8.18 20.05 11.89
CA ASN A 209 9.06 19.74 13.02
C ASN A 209 8.73 18.37 13.62
N LEU A 210 7.44 18.01 13.68
CA LEU A 210 7.09 16.71 14.23
C LEU A 210 7.47 15.58 13.28
N ARG A 211 7.29 15.80 11.98
CA ARG A 211 7.72 14.82 10.99
C ARG A 211 9.23 14.57 11.10
N GLN A 212 9.99 15.63 11.36
CA GLN A 212 11.44 15.48 11.51
C GLN A 212 11.79 14.70 12.76
N GLN A 213 11.16 15.03 13.89
CA GLN A 213 11.41 14.28 15.12
C GLN A 213 11.05 12.81 14.94
N SER A 214 9.94 12.53 14.25
CA SER A 214 9.53 11.15 14.01
C SER A 214 10.55 10.42 13.13
N ALA A 215 10.98 11.05 12.04
CA ALA A 215 12.01 10.45 11.20
C ALA A 215 13.29 10.16 11.97
N ASP A 216 13.71 11.12 12.81
CA ASP A 216 14.93 10.92 13.61
C ASP A 216 14.77 9.74 14.56
N ALA A 217 13.61 9.65 15.21
CA ALA A 217 13.40 8.55 16.16
C ALA A 217 13.41 7.21 15.44
N LEU A 218 12.77 7.14 14.26
CA LEU A 218 12.73 5.88 13.54
C LEU A 218 14.11 5.48 13.05
N ALA A 219 14.90 6.44 12.56
CA ALA A 219 16.24 6.12 12.08
C ALA A 219 17.16 5.68 13.21
N GLU A 220 16.95 6.22 14.41
CA GLU A 220 17.76 5.78 15.55
C GLU A 220 17.44 4.36 15.93
N ILE A 221 16.15 3.97 15.88
CA ILE A 221 15.78 2.59 16.13
C ILE A 221 16.32 1.68 15.03
N GLY A 222 16.11 2.09 13.78
CA GLY A 222 16.58 1.35 12.62
C GLY A 222 15.52 0.38 12.12
N PHE A 223 15.13 0.54 10.85
CA PHE A 223 14.14 -0.31 10.21
C PHE A 223 14.61 -0.68 8.81
N ASP A 224 13.96 -1.68 8.22
CA ASP A 224 14.30 -2.10 6.86
C ASP A 224 13.71 -1.17 5.81
N GLY A 225 12.58 -0.55 6.12
CA GLY A 225 11.93 0.41 5.25
C GLY A 225 11.16 1.38 6.13
N TYR A 226 10.73 2.48 5.51
CA TYR A 226 10.09 3.57 6.22
C TYR A 226 8.80 3.96 5.52
N ALA A 227 7.72 3.99 6.27
CA ALA A 227 6.43 4.40 5.74
C ALA A 227 6.11 5.82 6.17
N VAL A 228 5.43 6.55 5.30
CA VAL A 228 4.81 7.82 5.66
C VAL A 228 3.38 7.51 6.07
N GLY A 229 3.11 7.55 7.37
CA GLY A 229 1.78 7.36 7.90
C GLY A 229 1.07 8.68 8.12
N GLY A 230 -0.18 8.59 8.56
CA GLY A 230 -0.93 9.77 8.95
C GLY A 230 -1.43 10.63 7.82
N LEU A 231 -1.32 10.18 6.57
CA LEU A 231 -1.89 10.87 5.42
C LEU A 231 -3.03 10.03 4.84
N ALA A 232 -3.66 10.52 3.79
CA ALA A 232 -4.87 9.90 3.26
C ALA A 232 -5.91 9.74 4.37
N VAL A 233 -6.10 10.81 5.14
CA VAL A 233 -7.01 10.82 6.28
C VAL A 233 -7.96 12.00 6.16
N GLY A 234 -8.14 12.51 4.95
CA GLY A 234 -9.08 13.59 4.66
C GLY A 234 -8.46 14.93 4.34
N GLU A 235 -7.14 15.02 4.20
CA GLU A 235 -6.45 16.29 4.04
C GLU A 235 -6.49 16.84 2.62
N GLY A 236 -6.74 16.01 1.62
CA GLY A 236 -6.74 16.48 0.25
C GLY A 236 -5.36 16.47 -0.37
N GLN A 237 -5.36 16.45 -1.72
CA GLN A 237 -4.11 16.18 -2.43
C GLN A 237 -3.09 17.30 -2.26
N ASP A 238 -3.53 18.56 -2.34
CA ASP A 238 -2.58 19.66 -2.21
C ASP A 238 -1.82 19.58 -0.89
N GLU A 239 -2.55 19.38 0.21
CA GLU A 239 -1.92 19.30 1.52
C GLU A 239 -1.06 18.05 1.65
N MET A 240 -1.54 16.92 1.11
N MET A 240 -1.53 16.92 1.12
CA MET A 240 -0.76 15.69 1.15
CA MET A 240 -0.74 15.70 1.17
C MET A 240 0.57 15.86 0.44
C MET A 240 0.59 15.89 0.45
N PHE A 241 0.55 16.47 -0.75
CA PHE A 241 1.79 16.71 -1.50
C PHE A 241 2.70 17.68 -0.74
N ARG A 242 2.12 18.72 -0.12
CA ARG A 242 2.93 19.66 0.66
C ARG A 242 3.66 18.95 1.79
N VAL A 243 2.97 18.03 2.47
CA VAL A 243 3.59 17.29 3.56
C VAL A 243 4.67 16.35 3.02
N LEU A 244 4.39 15.68 1.89
CA LEU A 244 5.40 14.81 1.30
C LEU A 244 6.63 15.58 0.88
N ASP A 245 6.45 16.81 0.39
CA ASP A 245 7.57 17.62 -0.06
C ASP A 245 8.68 17.70 0.98
N PHE A 246 8.32 17.96 2.25
CA PHE A 246 9.35 17.99 3.30
C PHE A 246 9.54 16.67 4.02
N SER A 247 8.55 15.76 4.01
CA SER A 247 8.63 14.58 4.86
C SER A 247 9.49 13.48 4.26
N VAL A 248 9.35 13.20 2.96
CA VAL A 248 10.12 12.09 2.37
C VAL A 248 11.61 12.32 2.45
N PRO A 249 12.15 13.51 2.21
CA PRO A 249 13.61 13.70 2.34
C PRO A 249 14.15 13.43 3.74
N MET A 250 13.30 13.44 4.77
CA MET A 250 13.75 13.16 6.13
C MET A 250 14.03 11.68 6.35
N LEU A 251 13.47 10.81 5.51
CA LEU A 251 13.68 9.38 5.67
C LEU A 251 15.02 8.99 5.04
N PRO A 252 15.62 7.90 5.49
CA PRO A 252 16.87 7.44 4.85
C PRO A 252 16.67 7.23 3.36
N ASP A 253 17.57 7.79 2.57
CA ASP A 253 17.46 7.71 1.12
C ASP A 253 17.63 6.28 0.62
N ASP A 254 18.45 5.48 1.29
CA ASP A 254 18.84 4.16 0.81
C ASP A 254 17.86 3.07 1.18
N LYS A 255 16.71 3.42 1.74
CA LYS A 255 15.67 2.48 2.18
CA LYS A 255 15.71 2.42 2.08
C LYS A 255 14.38 2.78 1.45
N PRO A 256 13.49 1.79 1.26
CA PRO A 256 12.23 2.07 0.56
C PRO A 256 11.32 2.96 1.39
N HIS A 257 10.50 3.74 0.66
CA HIS A 257 9.54 4.68 1.24
C HIS A 257 8.14 4.26 0.83
N TYR A 258 7.29 3.96 1.81
CA TYR A 258 5.95 3.44 1.56
C TYR A 258 4.92 4.47 2.03
N LEU A 259 4.13 5.00 1.10
CA LEU A 259 3.06 5.96 1.45
C LEU A 259 1.78 5.18 1.70
N MET A 260 1.33 5.17 2.96
CA MET A 260 0.19 4.32 3.32
C MET A 260 -1.15 4.94 2.91
N GLY A 261 -1.99 4.14 2.28
CA GLY A 261 -3.36 4.53 1.99
C GLY A 261 -3.59 5.30 0.70
N VAL A 262 -2.57 5.46 -0.14
CA VAL A 262 -2.63 6.26 -1.37
C VAL A 262 -2.36 5.38 -2.60
N GLY A 263 -3.19 5.46 -3.64
CA GLY A 263 -4.34 6.33 -3.73
C GLY A 263 -4.82 6.30 -5.18
N LYS A 264 -5.47 7.39 -5.58
CA LYS A 264 -5.87 7.53 -6.97
C LYS A 264 -4.62 7.54 -7.86
N PRO A 265 -4.78 7.21 -9.15
CA PRO A 265 -3.63 7.24 -10.06
C PRO A 265 -2.82 8.53 -10.02
N ASP A 266 -3.50 9.69 -9.97
CA ASP A 266 -2.76 10.95 -9.93
C ASP A 266 -2.05 11.17 -8.61
N ASP A 267 -2.59 10.64 -7.51
CA ASP A 267 -1.88 10.69 -6.23
C ASP A 267 -0.59 9.87 -6.32
N ILE A 268 -0.67 8.71 -6.95
CA ILE A 268 0.50 7.85 -7.10
C ILE A 268 1.59 8.56 -7.90
N VAL A 269 1.22 9.13 -9.04
CA VAL A 269 2.22 9.80 -9.88
C VAL A 269 2.90 10.93 -9.11
N GLY A 270 2.11 11.77 -8.43
CA GLY A 270 2.68 12.87 -7.68
C GLY A 270 3.51 12.41 -6.50
N ALA A 271 3.12 11.29 -5.86
CA ALA A 271 3.91 10.77 -4.75
C ALA A 271 5.23 10.19 -5.23
N VAL A 272 5.24 9.52 -6.39
CA VAL A 272 6.49 9.02 -6.95
C VAL A 272 7.43 10.20 -7.26
N GLU A 273 6.86 11.30 -7.79
CA GLU A 273 7.62 12.52 -8.04
C GLU A 273 8.25 13.07 -6.77
N ARG A 274 7.73 12.66 -5.61
CA ARG A 274 8.21 13.14 -4.32
C ARG A 274 8.99 12.07 -3.55
N GLY A 275 9.33 10.95 -4.18
CA GLY A 275 10.25 9.98 -3.61
C GLY A 275 9.63 8.75 -2.99
N ILE A 276 8.36 8.47 -3.26
CA ILE A 276 7.71 7.28 -2.72
C ILE A 276 7.94 6.09 -3.64
N ASP A 277 8.15 4.91 -3.01
CA ASP A 277 8.48 3.68 -3.70
C ASP A 277 7.40 2.61 -3.64
N MET A 278 6.43 2.70 -2.71
CA MET A 278 5.47 1.63 -2.50
C MET A 278 4.12 2.22 -2.13
N PHE A 279 3.05 1.59 -2.62
CA PHE A 279 1.68 2.04 -2.44
C PHE A 279 0.76 0.86 -2.18
N ASP A 280 -0.26 1.08 -1.36
CA ASP A 280 -1.31 0.06 -1.18
C ASP A 280 -2.58 0.44 -1.89
N LEU A 283 -8.65 1.39 -3.34
CA LEU A 283 -9.49 2.03 -4.36
C LEU A 283 -9.80 1.17 -5.61
N PRO A 284 -8.80 0.58 -6.26
CA PRO A 284 -9.12 -0.24 -7.44
C PRO A 284 -10.07 -1.39 -7.13
N THR A 285 -9.99 -1.98 -5.93
CA THR A 285 -10.93 -3.04 -5.56
C THR A 285 -12.29 -2.47 -5.15
N ARG A 286 -12.29 -1.40 -4.36
CA ARG A 286 -13.56 -0.78 -3.98
C ARG A 286 -14.29 -0.25 -5.20
N SER A 287 -13.57 0.45 -6.08
CA SER A 287 -14.18 0.97 -7.29
C SER A 287 -14.74 -0.13 -8.16
N GLY A 288 -14.00 -1.24 -8.30
CA GLY A 288 -14.44 -2.32 -9.17
C GLY A 288 -15.74 -2.97 -8.71
N ARG A 289 -16.03 -2.90 -7.41
CA ARG A 289 -17.27 -3.44 -6.88
C ARG A 289 -18.40 -2.41 -6.89
N ASN A 290 -18.13 -1.17 -7.29
CA ASN A 290 -19.15 -0.12 -7.31
C ASN A 290 -19.31 0.51 -8.69
N GLY A 291 -18.82 -0.15 -9.74
CA GLY A 291 -19.03 0.30 -11.10
C GLY A 291 -18.01 1.28 -11.65
N GLN A 292 -16.91 1.54 -10.95
CA GLN A 292 -15.93 2.51 -11.42
C GLN A 292 -14.71 1.80 -12.02
N ALA A 293 -14.39 2.14 -13.26
CA ALA A 293 -13.23 1.60 -13.97
C ALA A 293 -12.22 2.72 -14.20
N PHE A 294 -10.94 2.40 -14.01
CA PHE A 294 -9.87 3.37 -14.27
C PHE A 294 -9.40 3.24 -15.71
N THR A 295 -9.21 4.39 -16.36
CA THR A 295 -8.72 4.45 -17.74
C THR A 295 -7.71 5.58 -17.83
N TRP A 296 -6.93 5.58 -18.92
CA TRP A 296 -5.97 6.67 -19.13
C TRP A 296 -6.67 7.99 -19.37
N ASP A 297 -7.97 7.97 -19.68
CA ASP A 297 -8.76 9.19 -19.82
C ASP A 297 -9.57 9.49 -18.57
N GLY A 298 -9.16 8.96 -17.42
CA GLY A 298 -9.86 9.20 -16.18
C GLY A 298 -10.80 8.05 -15.82
N PRO A 299 -11.37 8.10 -14.63
CA PRO A 299 -12.32 7.05 -14.24
C PRO A 299 -13.63 7.18 -14.99
N ILE A 300 -14.32 6.06 -15.19
CA ILE A 300 -15.64 6.05 -15.77
C ILE A 300 -16.57 5.21 -14.88
N ASN A 301 -17.83 5.61 -14.77
N ASN A 301 -17.84 5.56 -14.89
CA ASN A 301 -18.81 4.76 -14.10
CA ASN A 301 -18.89 4.84 -14.16
C ASN A 301 -19.55 3.95 -15.17
C ASN A 301 -19.60 3.95 -15.18
N ILE A 302 -19.19 2.68 -15.25
CA ILE A 302 -19.66 1.80 -16.30
C ILE A 302 -21.17 1.58 -16.27
N ARG A 303 -21.83 1.82 -15.12
CA ARG A 303 -23.28 1.65 -15.08
C ARG A 303 -24.03 2.72 -15.83
N ASN A 304 -23.38 3.86 -16.12
CA ASN A 304 -24.06 4.95 -16.79
C ASN A 304 -24.55 4.51 -18.16
N ALA A 305 -25.75 4.98 -18.52
CA ALA A 305 -26.40 4.59 -19.77
C ALA A 305 -25.55 4.89 -21.01
N ARG A 306 -24.63 5.85 -20.93
N ARG A 306 -24.63 5.85 -20.93
CA ARG A 306 -23.83 6.17 -22.09
CA ARG A 306 -23.82 6.16 -22.10
C ARG A 306 -22.84 5.08 -22.47
C ARG A 306 -22.98 4.98 -22.55
N PHE A 307 -22.75 4.00 -21.69
CA PHE A 307 -21.92 2.85 -22.03
C PHE A 307 -22.73 1.67 -22.56
N SER A 308 -24.06 1.78 -22.63
CA SER A 308 -24.89 0.63 -22.97
C SER A 308 -24.64 0.13 -24.38
N GLU A 309 -24.16 0.99 -25.28
CA GLU A 309 -23.89 0.61 -26.67
C GLU A 309 -22.44 0.85 -27.07
N ASP A 310 -21.55 1.01 -26.09
CA ASP A 310 -20.16 1.37 -26.36
C ASP A 310 -19.38 0.07 -26.57
N LEU A 311 -18.94 -0.16 -27.80
CA LEU A 311 -18.23 -1.39 -28.15
C LEU A 311 -16.74 -1.33 -27.85
N LYS A 312 -16.22 -0.19 -27.41
CA LYS A 312 -14.81 -0.12 -27.06
C LYS A 312 -14.55 -0.89 -25.77
N PRO A 313 -13.34 -1.40 -25.59
CA PRO A 313 -12.97 -1.97 -24.28
C PRO A 313 -12.97 -0.89 -23.20
N LEU A 314 -12.90 -1.32 -21.94
CA LEU A 314 -12.84 -0.37 -20.83
C LEU A 314 -11.80 0.72 -21.07
N ASP A 315 -10.59 0.31 -21.49
CA ASP A 315 -9.57 1.28 -21.85
C ASP A 315 -8.95 0.89 -23.19
N SER A 316 -8.71 1.90 -24.03
CA SER A 316 -8.30 1.69 -25.42
C SER A 316 -6.89 1.11 -25.54
N GLU A 317 -6.05 1.29 -24.53
CA GLU A 317 -4.67 0.83 -24.59
C GLU A 317 -4.39 -0.33 -23.64
N CYS A 318 -5.28 -0.60 -22.71
CA CYS A 318 -5.03 -1.58 -21.66
C CYS A 318 -4.84 -2.97 -22.26
N HIS A 319 -3.82 -3.67 -21.76
CA HIS A 319 -3.48 -4.99 -22.26
C HIS A 319 -4.12 -6.12 -21.45
N CYS A 320 -5.03 -5.81 -20.53
CA CYS A 320 -5.55 -6.85 -19.65
C CYS A 320 -6.50 -7.78 -20.40
N ALA A 321 -6.75 -8.94 -19.78
CA ALA A 321 -7.57 -9.97 -20.44
C ALA A 321 -9.00 -9.50 -20.67
N VAL A 322 -9.52 -8.64 -19.81
CA VAL A 322 -10.87 -8.12 -19.98
C VAL A 322 -10.94 -7.24 -21.22
N CYS A 323 -9.96 -6.35 -21.38
CA CYS A 323 -9.97 -5.42 -22.51
C CYS A 323 -9.61 -6.11 -23.83
N GLN A 324 -8.95 -7.26 -23.77
CA GLN A 324 -8.72 -8.02 -24.98
C GLN A 324 -9.98 -8.70 -25.49
N LYS A 325 -10.98 -8.90 -24.64
CA LYS A 325 -12.09 -9.78 -24.98
C LYS A 325 -13.46 -9.11 -24.98
N TRP A 326 -13.73 -8.19 -24.06
CA TRP A 326 -15.11 -7.73 -23.85
C TRP A 326 -15.22 -6.22 -23.93
N SER A 327 -16.41 -5.77 -24.30
CA SER A 327 -16.70 -4.37 -24.47
C SER A 327 -17.25 -3.73 -23.20
N ARG A 328 -17.15 -2.41 -23.16
CA ARG A 328 -17.87 -1.63 -22.15
C ARG A 328 -19.34 -2.01 -22.10
N ALA A 329 -19.97 -2.16 -23.28
CA ALA A 329 -21.39 -2.50 -23.34
C ALA A 329 -21.70 -3.79 -22.59
N TYR A 330 -20.86 -4.81 -22.74
CA TYR A 330 -21.13 -6.08 -22.07
C TYR A 330 -20.89 -5.99 -20.57
N ILE A 331 -19.82 -5.32 -20.14
N ILE A 331 -19.80 -5.32 -20.15
CA ILE A 331 -19.58 -5.17 -18.71
CA ILE A 331 -19.54 -5.12 -18.72
C ILE A 331 -20.68 -4.34 -18.07
C ILE A 331 -20.67 -4.35 -18.09
N HIS A 332 -21.11 -3.26 -18.74
CA HIS A 332 -22.26 -2.50 -18.30
C HIS A 332 -23.47 -3.39 -18.11
N HIS A 333 -23.75 -4.23 -19.11
CA HIS A 333 -24.88 -5.15 -19.05
C HIS A 333 -24.78 -6.08 -17.84
N LEU A 334 -23.62 -6.70 -17.64
CA LEU A 334 -23.46 -7.63 -16.52
C LEU A 334 -23.71 -6.95 -15.18
N ILE A 335 -23.11 -5.77 -14.98
CA ILE A 335 -23.26 -5.08 -13.70
C ILE A 335 -24.70 -4.65 -13.49
N ARG A 336 -25.33 -4.11 -14.53
CA ARG A 336 -26.71 -3.69 -14.39
C ARG A 336 -27.64 -4.88 -14.13
N ALA A 337 -27.27 -6.06 -14.60
CA ALA A 337 -28.07 -7.26 -14.37
C ALA A 337 -27.81 -7.89 -13.00
N GLY A 338 -26.88 -7.35 -12.23
CA GLY A 338 -26.56 -7.91 -10.94
C GLY A 338 -25.66 -9.13 -10.99
N GLU A 339 -24.98 -9.36 -12.10
CA GLU A 339 -24.11 -10.51 -12.26
C GLU A 339 -22.77 -10.24 -11.60
N ILE A 340 -22.37 -11.13 -10.68
CA ILE A 340 -21.08 -10.97 -10.00
C ILE A 340 -19.93 -10.95 -10.99
N LEU A 341 -20.10 -11.63 -12.13
CA LEU A 341 -19.05 -11.64 -13.16
C LEU A 341 -18.69 -10.22 -13.58
N GLY A 342 -19.68 -9.33 -13.67
CA GLY A 342 -19.37 -7.95 -14.04
C GLY A 342 -18.41 -7.29 -13.09
N ALA A 343 -18.67 -7.41 -11.78
CA ALA A 343 -17.79 -6.79 -10.79
C ALA A 343 -16.41 -7.43 -10.79
N MET A 344 -16.34 -8.74 -11.03
CA MET A 344 -15.03 -9.38 -11.09
C MET A 344 -14.22 -8.92 -12.29
N LEU A 345 -14.86 -8.77 -13.45
CA LEU A 345 -14.14 -8.28 -14.62
C LEU A 345 -13.67 -6.84 -14.41
N MET A 346 -14.52 -6.01 -13.79
CA MET A 346 -14.11 -4.63 -13.47
C MET A 346 -12.90 -4.64 -12.54
N THR A 347 -12.93 -5.49 -11.51
CA THR A 347 -11.84 -5.51 -10.55
C THR A 347 -10.55 -6.00 -11.20
N GLU A 348 -10.65 -7.04 -12.03
CA GLU A 348 -9.46 -7.53 -12.73
C GLU A 348 -8.87 -6.45 -13.63
N HIS A 349 -9.72 -5.73 -14.36
CA HIS A 349 -9.22 -4.64 -15.18
C HIS A 349 -8.55 -3.56 -14.33
N ASN A 350 -9.18 -3.17 -13.21
CA ASN A 350 -8.62 -2.10 -12.40
C ASN A 350 -7.26 -2.46 -11.84
N ILE A 351 -7.13 -3.69 -11.31
CA ILE A 351 -5.82 -4.13 -10.80
C ILE A 351 -4.78 -4.12 -11.92
N ALA A 352 -5.16 -4.62 -13.11
CA ALA A 352 -4.23 -4.64 -14.24
C ALA A 352 -3.86 -3.22 -14.68
N PHE A 353 -4.83 -2.32 -14.68
CA PHE A 353 -4.55 -0.93 -15.02
C PHE A 353 -3.51 -0.34 -14.07
N TYR A 354 -3.70 -0.54 -12.77
CA TYR A 354 -2.72 -0.03 -11.81
C TYR A 354 -1.35 -0.64 -12.04
N GLN A 355 -1.29 -1.92 -12.38
CA GLN A 355 0.03 -2.51 -12.64
C GLN A 355 0.65 -1.97 -13.92
N GLN A 356 -0.16 -1.68 -14.94
CA GLN A 356 0.39 -1.03 -16.14
C GLN A 356 0.87 0.38 -15.83
N LEU A 357 0.14 1.09 -14.97
CA LEU A 357 0.59 2.40 -14.50
C LEU A 357 1.95 2.30 -13.83
N MET A 358 2.12 1.33 -12.94
CA MET A 358 3.39 1.23 -12.23
C MET A 358 4.51 0.84 -13.19
N GLN A 359 4.22 -0.02 -14.17
CA GLN A 359 5.23 -0.40 -15.14
C GLN A 359 5.66 0.81 -15.97
N LYS A 360 4.70 1.63 -16.40
CA LYS A 360 5.04 2.83 -17.16
C LYS A 360 5.85 3.81 -16.31
N ILE A 361 5.52 3.90 -15.02
CA ILE A 361 6.30 4.75 -14.10
C ILE A 361 7.74 4.23 -14.02
N ARG A 362 7.91 2.92 -13.78
CA ARG A 362 9.24 2.35 -13.65
C ARG A 362 10.05 2.53 -14.93
N ASP A 363 9.44 2.23 -16.07
CA ASP A 363 10.15 2.37 -17.34
C ASP A 363 10.53 3.81 -17.59
N SER A 364 9.62 4.75 -17.31
N SER A 364 9.63 4.76 -17.30
CA SER A 364 9.90 6.16 -17.57
CA SER A 364 9.93 6.16 -17.61
C SER A 364 11.06 6.66 -16.72
C SER A 364 11.04 6.71 -16.72
N ILE A 365 11.07 6.33 -15.44
CA ILE A 365 12.18 6.73 -14.57
C ILE A 365 13.48 6.13 -15.09
N SER A 366 13.45 4.83 -15.41
CA SER A 366 14.67 4.17 -15.88
CA SER A 366 14.65 4.15 -15.90
C SER A 366 15.20 4.84 -17.14
N GLU A 367 14.32 5.33 -17.99
CA GLU A 367 14.66 5.93 -19.27
C GLU A 367 14.85 7.44 -19.18
N GLY A 368 14.68 8.03 -18.00
CA GLY A 368 14.84 9.47 -17.87
C GLY A 368 13.77 10.30 -18.52
N ARG A 369 12.54 9.78 -18.61
CA ARG A 369 11.45 10.53 -19.20
C ARG A 369 10.22 10.54 -18.29
N PHE A 370 10.45 10.40 -16.98
CA PHE A 370 9.33 10.38 -16.04
C PHE A 370 8.65 11.74 -15.94
N SER A 371 9.43 12.83 -15.92
CA SER A 371 8.82 14.16 -15.90
C SER A 371 7.86 14.34 -17.07
N GLN A 372 8.28 13.94 -18.26
CA GLN A 372 7.39 14.04 -19.42
C GLN A 372 6.19 13.11 -19.26
N PHE A 373 6.42 11.90 -18.76
CA PHE A 373 5.30 10.97 -18.55
C PHE A 373 4.27 11.56 -17.60
N ALA A 374 4.72 12.15 -16.48
CA ALA A 374 3.79 12.71 -15.52
C ALA A 374 2.97 13.83 -16.13
N GLN A 375 3.61 14.68 -16.93
CA GLN A 375 2.91 15.76 -17.60
C GLN A 375 1.89 15.21 -18.60
N ASP A 376 2.31 14.26 -19.44
CA ASP A 376 1.39 13.66 -20.41
C ASP A 376 0.26 12.93 -19.71
N PHE A 377 0.57 12.20 -18.64
CA PHE A 377 -0.46 11.47 -17.91
C PHE A 377 -1.54 12.41 -17.41
N ARG A 378 -1.13 13.51 -16.76
CA ARG A 378 -2.11 14.43 -16.17
C ARG A 378 -2.96 15.10 -17.24
N ALA A 379 -2.33 15.50 -18.35
CA ALA A 379 -3.07 16.20 -19.40
C ALA A 379 -4.19 15.32 -19.95
N ARG A 380 -3.93 14.02 -20.08
CA ARG A 380 -4.94 13.15 -20.65
C ARG A 380 -5.93 12.66 -19.58
N TYR A 381 -5.43 12.34 -18.39
CA TYR A 381 -6.29 11.81 -17.34
C TYR A 381 -7.34 12.83 -16.92
N PHE A 382 -6.98 14.12 -16.92
CA PHE A 382 -7.89 15.15 -16.46
C PHE A 382 -8.66 15.83 -17.59
N ALA A 383 -8.28 15.57 -18.85
CA ALA A 383 -9.12 16.01 -19.96
C ALA A 383 -10.42 15.22 -20.01
N ARG A 384 -10.38 13.95 -19.59
CA ARG A 384 -11.54 13.06 -19.63
C ARG A 384 -12.16 12.97 -21.02
ZN ZN B . -8.23 -3.66 -19.12
C2 E89 C . -2.66 5.79 7.37
C3 E89 C . -2.14 4.69 8.04
C7 E89 C . -1.20 4.91 9.14
O24 E89 C . -0.84 6.03 9.49
N8 E89 C . -0.74 3.79 9.78
C9 E89 C . -1.10 2.51 9.43
N25 E89 C . -0.56 1.50 10.13
N10 E89 C . -1.92 2.28 8.45
C4 E89 C . -2.48 3.36 7.73
C5 E89 C . -3.42 3.08 6.68
C14 E89 C . -3.78 1.67 6.30
C15 E89 C . -3.10 1.22 4.99
C16 E89 C . -3.34 -0.23 4.64
C21 E89 C . -4.60 -0.76 4.35
C20 E89 C . -4.78 -2.12 4.06
C19 E89 C . -3.68 -2.98 4.05
O22 E89 C . -3.92 -4.29 3.76
C23 E89 C . -5.27 -4.69 3.49
C18 E89 C . -2.42 -2.46 4.33
C17 E89 C . -2.25 -1.10 4.63
C6 E89 C . -3.94 4.21 6.01
N13 E89 C . -4.85 4.26 4.98
C12 E89 C . -5.02 5.52 4.69
N11 E89 C . -4.28 6.32 5.51
C1 E89 C . -3.56 5.50 6.35
C1 GOL D . -3.33 -15.16 -4.55
O1 GOL D . -3.61 -15.87 -5.74
C2 GOL D . -4.61 -14.51 -4.05
O2 GOL D . -4.95 -13.43 -4.90
C3 GOL D . -5.74 -15.53 -4.02
O3 GOL D . -6.97 -14.88 -3.77
C1 GOL E . 6.97 -15.33 9.81
O1 GOL E . 7.28 -14.28 10.69
C2 GOL E . 8.09 -15.47 8.79
O2 GOL E . 8.54 -16.80 8.76
C3 GOL E . 7.58 -15.08 7.41
O3 GOL E . 8.39 -15.67 6.43
C1 GOL F . -0.54 8.21 -20.26
O1 GOL F . -1.33 9.23 -20.82
C2 GOL F . -0.01 7.31 -21.37
O2 GOL F . 1.35 7.00 -21.12
C3 GOL F . -0.82 6.03 -21.46
O3 GOL F . -0.32 5.24 -22.51
C1 EDO G . 13.62 -2.13 -11.62
O1 EDO G . 12.28 -2.07 -11.11
C2 EDO G . 14.00 -0.76 -12.15
O2 EDO G . 12.95 -0.24 -12.96
C1 PGE H . 19.58 -2.12 1.56
O1 PGE H . 18.26 -2.60 1.79
C2 PGE H . 20.40 -3.26 0.99
O2 PGE H . 20.39 -3.28 -0.42
C3 PGE H . 21.43 -2.57 -1.06
C4 PGE H . 21.48 -2.98 -2.52
O4 PGE H . 21.43 0.82 -4.70
C6 PGE H . 22.45 -0.14 -4.49
C5 PGE H . 22.15 -0.81 -3.17
O3 PGE H . 22.44 -2.19 -3.21
#